data_2CL2
#
_entry.id   2CL2
#
_cell.length_a   38.302
_cell.length_b   47.408
_cell.length_c   152.194
_cell.angle_alpha   90.00
_cell.angle_beta   90.00
_cell.angle_gamma   90.00
#
_symmetry.space_group_name_H-M   'P 21 21 21'
#
loop_
_entity.id
_entity.type
_entity.pdbx_description
1 polymer 'PUTATIVE LAMINARINASE'
2 branched alpha-D-mannopyranose-(1-2)-alpha-D-mannopyranose-(1-6)-[alpha-D-mannopyranose-(1-3)]alpha-D-mannopyranose-(1-6)-beta-D-mannopyranose-(1-4)-2-acetamido-2-deoxy-beta-D-glucopyranose-(1-4)-2-acetamido-2-deoxy-beta-D-glucopyranose
3 water water
#
_entity_poly.entity_id   1
_entity_poly.type   'polypeptide(L)'
_entity_poly.pdbx_seq_one_letter_code
;ATYHLEDNWVGSAFLSTFTHEAIADPTHGRVNYVDQATALAKNLTYASGDTLILRADHTTTLSPSGPGRNSVRIRSIKTY
TTHVAVFDVRHMPQGCGTWPAAWETDEGDWPNGGEVDIIEGVNDQSPNAMTLHTGANCAMPASRTMTGHATNNNCDVNTD
GNTGCGVQAPTANSYGPSFNANGGGWYAMERTNSFIKVWFFPRNAGNVPNDIASGPATINTDNWGTPTAFFPNTNCDIGS
HFDANNIIINLTFCGDWAGQASIFNGAGCPGSCVDYVNNNPSAFANAYWDIASVRVYQ
;
_entity_poly.pdbx_strand_id   A
#
# COMPACT_ATOMS: atom_id res chain seq x y z
N ALA A 1 -22.50 -8.63 -6.36
CA ALA A 1 -21.03 -8.40 -6.24
C ALA A 1 -20.30 -8.59 -7.57
N THR A 2 -21.02 -8.34 -8.67
CA THR A 2 -20.44 -8.38 -10.01
C THR A 2 -20.07 -6.96 -10.41
N TYR A 3 -18.86 -6.81 -10.94
CA TYR A 3 -18.36 -5.51 -11.36
C TYR A 3 -17.73 -5.62 -12.76
N HIS A 4 -17.55 -4.49 -13.42
CA HIS A 4 -16.98 -4.48 -14.76
C HIS A 4 -15.82 -3.49 -14.83
N LEU A 5 -14.90 -3.76 -15.75
CA LEU A 5 -13.66 -3.02 -15.84
C LEU A 5 -13.91 -1.52 -16.02
N GLU A 6 -13.23 -0.72 -15.21
CA GLU A 6 -13.30 0.74 -15.24
C GLU A 6 -11.96 1.33 -15.68
N ASP A 7 -10.86 0.79 -15.16
CA ASP A 7 -9.51 1.23 -15.55
C ASP A 7 -8.57 0.04 -15.57
N ASN A 8 -7.71 0.00 -16.59
CA ASN A 8 -6.74 -1.06 -16.77
C ASN A 8 -5.38 -0.41 -16.95
N TRP A 9 -4.56 -0.48 -15.92
CA TRP A 9 -3.28 0.21 -15.90
C TRP A 9 -2.14 -0.78 -15.92
N VAL A 10 -1.38 -0.73 -17.01
CA VAL A 10 -0.22 -1.58 -17.23
C VAL A 10 0.89 -0.71 -17.82
N GLY A 11 2.10 -0.85 -17.28
CA GLY A 11 3.28 -0.23 -17.87
C GLY A 11 3.17 1.27 -18.04
N SER A 12 3.38 1.76 -19.25
CA SER A 12 3.42 3.20 -19.49
C SER A 12 2.09 3.91 -19.23
N ALA A 13 1.00 3.15 -19.13
CA ALA A 13 -0.30 3.75 -18.85
C ALA A 13 -0.29 4.54 -17.53
N PHE A 14 0.48 4.08 -16.56
CA PHE A 14 0.57 4.77 -15.28
C PHE A 14 1.07 6.21 -15.42
N LEU A 15 1.85 6.50 -16.45
CA LEU A 15 2.41 7.84 -16.62
C LEU A 15 1.38 8.90 -17.00
N SER A 16 0.27 8.48 -17.59
CA SER A 16 -0.81 9.40 -17.96
C SER A 16 -2.03 9.32 -17.06
N THR A 17 -2.15 8.27 -16.25
CA THR A 17 -3.31 8.06 -15.40
C THR A 17 -3.02 8.29 -13.90
N PHE A 18 -1.74 8.41 -13.54
CA PHE A 18 -1.32 8.80 -12.20
C PHE A 18 -0.47 10.04 -12.30
N THR A 19 -0.33 10.75 -11.18
CA THR A 19 0.68 11.78 -11.04
C THR A 19 1.66 11.35 -9.97
N HIS A 20 2.84 11.96 -9.97
CA HIS A 20 3.78 11.84 -8.87
C HIS A 20 3.55 13.00 -7.92
N GLU A 21 3.44 12.71 -6.63
CA GLU A 21 3.26 13.74 -5.62
C GLU A 21 4.63 14.16 -5.09
N ALA A 22 5.06 15.36 -5.45
CA ALA A 22 6.33 15.88 -4.97
C ALA A 22 6.03 16.71 -3.75
N ILE A 23 5.79 16.01 -2.65
CA ILE A 23 5.31 16.64 -1.43
C ILE A 23 6.21 16.28 -0.27
N ALA A 24 6.24 17.16 0.73
CA ALA A 24 6.82 16.81 2.02
C ALA A 24 6.09 15.58 2.55
N ASP A 25 6.82 14.61 3.09
CA ASP A 25 6.18 13.39 3.53
C ASP A 25 5.26 13.66 4.72
N PRO A 26 3.95 13.42 4.57
CA PRO A 26 3.09 13.57 5.75
C PRO A 26 3.51 12.71 6.96
N THR A 27 4.19 11.58 6.70
CA THR A 27 4.66 10.72 7.79
C THR A 27 6.11 11.00 8.23
N HIS A 28 6.66 12.12 7.75
CA HIS A 28 7.93 12.66 8.27
C HIS A 28 9.12 11.73 8.08
N GLY A 29 9.12 10.99 6.99
CA GLY A 29 10.19 10.05 6.72
C GLY A 29 11.44 10.69 6.17
N ARG A 30 12.50 9.90 6.11
CA ARG A 30 13.77 10.35 5.55
C ARG A 30 13.73 10.15 4.04
N VAL A 31 12.87 10.93 3.40
CA VAL A 31 12.51 10.74 2.01
C VAL A 31 12.43 12.06 1.29
N ASN A 32 12.79 12.02 0.01
CA ASN A 32 12.53 13.14 -0.87
C ASN A 32 11.68 12.63 -2.02
N TYR A 33 10.39 12.95 -1.97
CA TYR A 33 9.47 12.52 -3.00
C TYR A 33 9.64 13.40 -4.22
N VAL A 34 10.11 12.81 -5.32
CA VAL A 34 10.38 13.59 -6.53
C VAL A 34 9.18 13.67 -7.43
N ASP A 35 9.20 14.68 -8.29
N ASP A 35 9.19 14.67 -8.30
CA ASP A 35 8.19 14.86 -9.31
CA ASP A 35 8.13 14.82 -9.28
C ASP A 35 8.33 13.81 -10.41
C ASP A 35 8.33 13.83 -10.42
N GLN A 36 7.33 13.75 -11.28
CA GLN A 36 7.32 12.74 -12.34
C GLN A 36 8.48 12.84 -13.32
N ALA A 37 8.76 14.05 -13.78
CA ALA A 37 9.86 14.26 -14.73
C ALA A 37 11.18 13.80 -14.12
N THR A 38 11.41 14.18 -12.87
CA THR A 38 12.63 13.82 -12.17
C THR A 38 12.72 12.30 -11.97
N ALA A 39 11.60 11.69 -11.57
CA ALA A 39 11.54 10.24 -11.38
C ALA A 39 11.93 9.49 -12.65
N LEU A 40 11.37 9.92 -13.77
CA LEU A 40 11.64 9.26 -15.05
C LEU A 40 13.08 9.46 -15.49
N ALA A 41 13.60 10.69 -15.33
CA ALA A 41 14.99 10.98 -15.70
C ALA A 41 15.99 10.18 -14.87
N LYS A 42 15.71 10.00 -13.59
CA LYS A 42 16.60 9.30 -12.67
C LYS A 42 16.31 7.80 -12.59
N ASN A 43 15.33 7.35 -13.36
CA ASN A 43 14.89 5.97 -13.38
C ASN A 43 14.41 5.47 -12.02
N LEU A 44 13.83 6.35 -11.22
CA LEU A 44 13.15 5.96 -9.99
C LEU A 44 11.74 5.45 -10.29
N THR A 45 11.20 5.86 -11.44
CA THR A 45 10.00 5.28 -12.00
C THR A 45 10.34 4.80 -13.39
N TYR A 46 9.93 3.58 -13.70
CA TYR A 46 10.18 2.97 -15.00
C TYR A 46 8.87 2.31 -15.38
N ALA A 47 8.32 2.71 -16.53
CA ALA A 47 6.97 2.29 -16.90
C ALA A 47 6.95 1.97 -18.39
N SER A 48 7.03 0.67 -18.69
CA SER A 48 7.23 0.19 -20.05
C SER A 48 6.87 -1.29 -20.14
N GLY A 49 6.37 -1.71 -21.30
CA GLY A 49 5.96 -3.09 -21.49
C GLY A 49 4.85 -3.44 -20.52
N ASP A 50 5.01 -4.56 -19.80
CA ASP A 50 4.03 -4.98 -18.80
C ASP A 50 4.55 -4.76 -17.38
N THR A 51 5.36 -3.72 -17.19
CA THR A 51 6.02 -3.50 -15.91
C THR A 51 5.97 -2.04 -15.48
N LEU A 52 5.68 -1.83 -14.20
CA LEU A 52 5.88 -0.56 -13.54
C LEU A 52 6.85 -0.80 -12.40
N ILE A 53 7.98 -0.09 -12.40
CA ILE A 53 8.92 -0.11 -11.29
C ILE A 53 8.87 1.25 -10.60
N LEU A 54 8.72 1.22 -9.28
CA LEU A 54 8.81 2.43 -8.45
C LEU A 54 9.89 2.10 -7.43
N ARG A 55 10.96 2.86 -7.40
N ARG A 55 10.96 2.89 -7.39
CA ARG A 55 12.10 2.49 -6.54
CA ARG A 55 12.10 2.51 -6.55
C ARG A 55 12.74 3.67 -5.83
C ARG A 55 12.72 3.67 -5.81
N ALA A 56 13.50 3.32 -4.80
CA ALA A 56 14.33 4.26 -4.09
C ALA A 56 15.64 4.46 -4.80
N ASP A 57 16.23 5.63 -4.62
CA ASP A 57 17.62 5.86 -4.98
C ASP A 57 18.48 4.87 -4.19
N HIS A 58 19.32 4.12 -4.90
CA HIS A 58 20.21 3.15 -4.26
C HIS A 58 21.68 3.40 -4.60
N THR A 59 22.00 4.66 -4.94
CA THR A 59 23.37 5.03 -5.32
C THR A 59 23.92 6.22 -4.55
N THR A 60 23.06 7.15 -4.13
CA THR A 60 23.51 8.38 -3.49
C THR A 60 23.71 8.20 -2.00
N THR A 61 24.85 8.66 -1.49
CA THR A 61 25.08 8.79 -0.06
C THR A 61 24.60 10.17 0.34
N LEU A 62 23.66 10.25 1.29
CA LEU A 62 23.01 11.51 1.58
C LEU A 62 23.78 12.42 2.51
N SER A 63 23.80 13.70 2.20
CA SER A 63 24.24 14.71 3.16
C SER A 63 23.24 14.70 4.32
N PRO A 64 23.73 14.53 5.56
CA PRO A 64 22.82 14.52 6.71
C PRO A 64 21.98 15.81 6.85
N SER A 65 22.53 16.93 6.38
CA SER A 65 21.83 18.22 6.38
C SER A 65 21.02 18.47 5.10
N GLY A 66 21.07 17.55 4.16
CA GLY A 66 20.31 17.66 2.92
C GLY A 66 18.99 16.90 2.98
N PRO A 67 18.27 16.85 1.85
CA PRO A 67 17.02 16.11 1.79
C PRO A 67 17.18 14.59 1.96
N GLY A 68 16.05 13.91 2.14
CA GLY A 68 16.05 12.48 2.34
C GLY A 68 16.28 11.73 1.04
N ARG A 69 16.15 10.41 1.13
CA ARG A 69 16.46 9.54 0.01
C ARG A 69 15.38 9.68 -1.05
N ASN A 70 15.78 9.86 -2.31
CA ASN A 70 14.82 10.02 -3.37
C ASN A 70 13.94 8.79 -3.49
N SER A 71 12.64 9.03 -3.63
CA SER A 71 11.67 7.97 -3.79
C SER A 71 10.45 8.56 -4.47
N VAL A 72 9.41 7.76 -4.63
CA VAL A 72 8.22 8.22 -5.32
C VAL A 72 6.95 7.86 -4.58
N ARG A 73 5.93 8.68 -4.82
CA ARG A 73 4.58 8.51 -4.31
C ARG A 73 3.66 8.88 -5.46
N ILE A 74 2.99 7.89 -6.05
CA ILE A 74 2.13 8.12 -7.19
C ILE A 74 0.68 8.03 -6.76
N ARG A 75 -0.18 8.82 -7.42
CA ARG A 75 -1.57 8.94 -7.06
C ARG A 75 -2.43 8.92 -8.30
N SER A 76 -3.48 8.11 -8.29
CA SER A 76 -4.37 8.06 -9.44
C SER A 76 -5.04 9.42 -9.65
N ILE A 77 -5.22 9.80 -10.91
CA ILE A 77 -5.93 11.03 -11.21
C ILE A 77 -7.42 10.86 -10.85
N LYS A 78 -7.96 9.69 -11.17
CA LYS A 78 -9.36 9.41 -10.88
C LYS A 78 -9.56 9.06 -9.41
N THR A 79 -10.79 9.28 -8.95
CA THR A 79 -11.21 8.92 -7.62
C THR A 79 -12.35 7.90 -7.72
N TYR A 80 -12.57 7.18 -6.63
CA TYR A 80 -13.43 6.00 -6.61
C TYR A 80 -14.22 5.94 -5.31
N THR A 81 -15.44 5.43 -5.39
CA THR A 81 -16.27 5.20 -4.22
C THR A 81 -16.49 3.69 -4.11
N THR A 82 -17.62 3.19 -4.60
CA THR A 82 -17.87 1.76 -4.62
C THR A 82 -17.13 1.16 -5.82
N HIS A 83 -16.18 0.27 -5.54
CA HIS A 83 -15.31 -0.25 -6.57
C HIS A 83 -14.53 -1.44 -6.04
N VAL A 84 -13.86 -2.13 -6.97
CA VAL A 84 -12.87 -3.13 -6.65
C VAL A 84 -11.55 -2.72 -7.31
N ALA A 85 -10.46 -2.74 -6.55
CA ALA A 85 -9.12 -2.50 -7.07
C ALA A 85 -8.28 -3.75 -6.90
N VAL A 86 -7.61 -4.17 -7.98
CA VAL A 86 -6.81 -5.39 -7.98
C VAL A 86 -5.38 -5.05 -8.37
N PHE A 87 -4.44 -5.42 -7.50
CA PHE A 87 -3.02 -5.12 -7.67
C PHE A 87 -2.29 -6.43 -7.90
N ASP A 88 -1.66 -6.56 -9.06
CA ASP A 88 -0.85 -7.73 -9.41
C ASP A 88 0.60 -7.30 -9.19
N VAL A 89 1.18 -7.74 -8.08
CA VAL A 89 2.45 -7.20 -7.58
C VAL A 89 3.51 -8.28 -7.56
N ARG A 90 4.57 -8.09 -8.34
CA ARG A 90 5.66 -9.06 -8.43
C ARG A 90 6.66 -8.88 -7.31
N HIS A 91 6.85 -7.65 -6.84
CA HIS A 91 7.86 -7.32 -5.86
C HIS A 91 7.40 -6.07 -5.11
N MET A 92 7.68 -6.02 -3.81
CA MET A 92 7.43 -4.81 -3.03
C MET A 92 8.75 -4.39 -2.39
N PRO A 93 8.87 -3.12 -2.01
CA PRO A 93 10.14 -2.71 -1.44
C PRO A 93 10.52 -3.50 -0.19
N GLN A 94 11.81 -3.82 -0.09
CA GLN A 94 12.34 -4.39 1.13
C GLN A 94 13.63 -3.69 1.52
N GLY A 95 13.98 -3.88 2.78
CA GLY A 95 15.19 -3.32 3.38
C GLY A 95 14.87 -2.64 4.70
N CYS A 96 15.86 -2.60 5.58
CA CYS A 96 15.72 -1.86 6.81
C CYS A 96 15.38 -0.41 6.52
N GLY A 97 14.41 0.10 7.26
CA GLY A 97 13.96 1.47 7.10
C GLY A 97 12.82 1.67 6.12
N THR A 98 12.51 0.67 5.29
CA THR A 98 11.48 0.83 4.28
C THR A 98 10.08 0.83 4.88
N TRP A 99 9.24 1.66 4.29
CA TRP A 99 7.84 1.77 4.65
C TRP A 99 7.02 1.97 3.38
N PRO A 100 6.74 0.87 2.68
CA PRO A 100 5.97 0.92 1.46
C PRO A 100 4.48 0.85 1.76
N ALA A 101 3.66 1.38 0.85
CA ALA A 101 2.22 1.25 0.98
C ALA A 101 1.51 1.34 -0.35
N ALA A 102 0.42 0.58 -0.45
CA ALA A 102 -0.55 0.72 -1.53
C ALA A 102 -1.88 0.89 -0.82
N TRP A 103 -2.58 1.97 -1.13
CA TRP A 103 -3.66 2.42 -0.30
C TRP A 103 -4.57 3.39 -1.05
N GLU A 104 -5.66 3.77 -0.40
CA GLU A 104 -6.57 4.76 -0.94
C GLU A 104 -6.90 5.76 0.13
N THR A 105 -7.07 7.01 -0.27
CA THR A 105 -7.52 8.03 0.66
C THR A 105 -8.02 9.25 -0.12
N ASP A 106 -8.59 10.19 0.63
CA ASP A 106 -8.87 11.52 0.13
C ASP A 106 -7.98 12.45 0.96
N GLU A 107 -6.86 12.86 0.38
CA GLU A 107 -5.89 13.68 1.08
C GLU A 107 -6.49 15.03 1.48
N GLY A 108 -7.36 15.55 0.62
CA GLY A 108 -7.93 16.88 0.78
C GLY A 108 -8.83 17.09 1.98
N ASP A 109 -9.35 16.03 2.57
CA ASP A 109 -10.17 16.13 3.78
C ASP A 109 -9.84 15.07 4.82
N TRP A 110 -8.61 14.57 4.81
CA TRP A 110 -8.18 13.51 5.71
C TRP A 110 -8.36 13.93 7.17
N PRO A 111 -8.85 13.02 8.04
CA PRO A 111 -9.26 11.63 7.80
C PRO A 111 -10.73 11.43 7.45
N ASN A 112 -11.45 12.52 7.20
CA ASN A 112 -12.92 12.44 7.08
C ASN A 112 -13.42 11.79 5.80
N GLY A 113 -12.57 11.75 4.78
CA GLY A 113 -12.86 11.01 3.56
C GLY A 113 -12.36 9.57 3.60
N GLY A 114 -11.79 9.16 4.73
CA GLY A 114 -11.37 7.78 4.93
C GLY A 114 -10.00 7.49 4.37
N GLU A 115 -9.44 6.37 4.82
CA GLU A 115 -8.21 5.83 4.31
C GLU A 115 -8.30 4.32 4.45
N VAL A 116 -7.96 3.59 3.38
CA VAL A 116 -7.83 2.15 3.46
C VAL A 116 -6.41 1.78 2.99
N ASP A 117 -5.68 1.15 3.88
CA ASP A 117 -4.35 0.66 3.57
C ASP A 117 -4.45 -0.79 3.18
N ILE A 118 -4.03 -1.11 1.97
CA ILE A 118 -4.21 -2.43 1.39
C ILE A 118 -2.94 -3.27 1.56
N ILE A 119 -1.79 -2.68 1.20
CA ILE A 119 -0.48 -3.25 1.45
C ILE A 119 0.28 -2.24 2.29
N GLU A 120 0.81 -2.67 3.43
CA GLU A 120 1.58 -1.76 4.26
C GLU A 120 2.35 -2.52 5.33
N GLY A 121 3.58 -2.06 5.57
CA GLY A 121 4.36 -2.55 6.68
C GLY A 121 5.63 -1.73 6.79
N VAL A 122 6.50 -2.15 7.70
CA VAL A 122 7.75 -1.45 7.95
C VAL A 122 8.88 -2.44 8.20
N ASN A 123 10.08 -2.07 7.76
CA ASN A 123 11.31 -2.75 8.16
C ASN A 123 11.28 -4.24 7.96
N ASP A 124 10.68 -4.65 6.84
CA ASP A 124 10.62 -6.05 6.44
C ASP A 124 9.83 -6.94 7.39
N GLN A 125 9.00 -6.36 8.23
CA GLN A 125 8.31 -7.16 9.24
C GLN A 125 6.98 -7.69 8.71
N SER A 126 6.98 -8.94 8.26
CA SER A 126 5.74 -9.62 7.92
C SER A 126 4.91 -9.86 9.18
N PRO A 127 3.60 -10.04 9.05
CA PRO A 127 2.80 -10.05 7.84
C PRO A 127 2.29 -8.67 7.42
N ASN A 128 1.60 -8.65 6.29
CA ASN A 128 0.96 -7.44 5.81
C ASN A 128 -0.11 -6.98 6.79
N ALA A 129 -0.29 -5.67 6.87
CA ALA A 129 -1.38 -5.07 7.62
C ALA A 129 -2.34 -4.36 6.67
N MET A 130 -3.63 -4.56 6.91
CA MET A 130 -4.70 -3.92 6.16
C MET A 130 -5.51 -3.15 7.20
N THR A 131 -5.72 -1.87 6.97
CA THR A 131 -6.15 -0.95 8.03
C THR A 131 -7.03 0.15 7.49
N LEU A 132 -8.07 0.52 8.25
CA LEU A 132 -8.82 1.72 7.96
C LEU A 132 -8.47 2.81 8.95
N HIS A 133 -8.42 4.03 8.44
CA HIS A 133 -8.28 5.23 9.27
C HIS A 133 -9.44 6.14 8.92
N THR A 134 -10.22 6.52 9.94
CA THR A 134 -11.41 7.33 9.74
C THR A 134 -11.51 8.41 10.80
N GLY A 135 -12.54 9.24 10.68
CA GLY A 135 -12.96 10.12 11.76
C GLY A 135 -13.81 9.37 12.77
N ALA A 136 -14.51 10.14 13.61
CA ALA A 136 -15.20 9.60 14.79
C ALA A 136 -16.30 8.61 14.46
N ASN A 137 -16.54 7.71 15.41
CA ASN A 137 -17.68 6.79 15.37
C ASN A 137 -17.56 5.73 14.26
N CYS A 138 -16.45 5.00 14.28
CA CYS A 138 -16.24 3.91 13.35
C CYS A 138 -15.36 2.88 14.02
N ALA A 139 -15.96 1.76 14.35
CA ALA A 139 -15.26 0.66 14.99
C ALA A 139 -15.69 -0.64 14.34
N MET A 140 -14.96 -1.70 14.69
CA MET A 140 -15.17 -3.02 14.12
C MET A 140 -15.47 -4.02 15.23
N PRO A 141 -16.32 -5.01 14.91
CA PRO A 141 -16.61 -6.04 15.90
C PRO A 141 -15.38 -6.90 16.18
N ALA A 142 -15.27 -7.42 17.40
CA ALA A 142 -14.11 -8.22 17.81
C ALA A 142 -13.91 -9.46 16.95
N SER A 143 -15.02 -10.02 16.50
CA SER A 143 -15.02 -11.20 15.66
C SER A 143 -15.87 -10.95 14.43
N ARG A 144 -15.29 -11.21 13.26
CA ARG A 144 -16.05 -11.23 12.02
C ARG A 144 -15.30 -12.10 11.03
N THR A 145 -16.00 -12.53 9.98
CA THR A 145 -15.50 -13.55 9.09
C THR A 145 -14.38 -13.01 8.18
N MET A 146 -13.17 -13.53 8.42
CA MET A 146 -12.00 -13.19 7.63
C MET A 146 -10.91 -14.17 8.00
N THR A 147 -9.85 -14.25 7.21
CA THR A 147 -8.75 -15.17 7.52
C THR A 147 -7.66 -14.52 8.34
N GLY A 148 -7.61 -13.19 8.33
CA GLY A 148 -6.64 -12.44 9.12
C GLY A 148 -7.06 -12.23 10.56
N HIS A 149 -6.16 -11.61 11.32
CA HIS A 149 -6.33 -11.39 12.75
C HIS A 149 -6.43 -9.91 13.06
N ALA A 150 -7.54 -9.50 13.65
CA ALA A 150 -7.77 -8.10 13.99
C ALA A 150 -6.83 -7.70 15.11
N THR A 151 -6.28 -6.50 15.00
CA THR A 151 -5.46 -5.95 16.07
C THR A 151 -6.32 -4.89 16.76
N ASN A 152 -6.18 -3.64 16.34
CA ASN A 152 -6.97 -2.56 16.90
C ASN A 152 -8.30 -2.48 16.18
N ASN A 153 -9.41 -2.29 16.92
CA ASN A 153 -10.73 -2.30 16.31
C ASN A 153 -11.45 -0.95 16.29
N ASN A 154 -10.79 0.09 16.77
CA ASN A 154 -11.32 1.43 16.65
C ASN A 154 -10.62 2.12 15.49
N CYS A 155 -11.37 2.50 14.46
CA CYS A 155 -10.78 3.09 13.24
C CYS A 155 -10.54 4.58 13.34
N ASP A 156 -11.13 5.21 14.35
CA ASP A 156 -11.07 6.67 14.53
C ASP A 156 -9.67 7.08 14.93
N VAL A 157 -9.00 7.82 14.04
CA VAL A 157 -7.60 8.21 14.29
C VAL A 157 -7.45 9.14 15.47
N ASN A 158 -8.53 9.82 15.84
CA ASN A 158 -8.51 10.80 16.92
C ASN A 158 -8.53 10.16 18.30
N THR A 159 -9.02 8.92 18.40
CA THR A 159 -9.15 8.25 19.68
C THR A 159 -8.48 6.87 19.77
N ASP A 160 -7.78 6.45 18.71
CA ASP A 160 -7.13 5.15 18.71
C ASP A 160 -5.59 5.21 18.68
N GLY A 161 -5.02 6.36 19.05
CA GLY A 161 -3.58 6.56 18.99
C GLY A 161 -3.05 6.65 17.56
N ASN A 162 -3.94 7.00 16.62
CA ASN A 162 -3.58 7.15 15.22
C ASN A 162 -3.13 5.83 14.57
N THR A 163 -3.65 4.71 15.08
CA THR A 163 -3.33 3.39 14.52
C THR A 163 -4.28 2.99 13.40
N GLY A 164 -5.53 3.44 13.48
CA GLY A 164 -6.60 2.90 12.64
C GLY A 164 -7.04 1.55 13.17
N CYS A 165 -8.00 0.93 12.48
CA CYS A 165 -8.46 -0.40 12.83
C CYS A 165 -7.84 -1.36 11.83
N GLY A 166 -7.03 -2.29 12.35
CA GLY A 166 -6.17 -3.09 11.51
C GLY A 166 -6.43 -4.58 11.56
N VAL A 167 -5.95 -5.26 10.52
CA VAL A 167 -5.99 -6.71 10.42
C VAL A 167 -4.64 -7.15 9.89
N GLN A 168 -4.07 -8.17 10.52
CA GLN A 168 -2.82 -8.78 10.08
C GLN A 168 -3.14 -9.98 9.20
N ALA A 169 -2.47 -10.08 8.06
CA ALA A 169 -2.64 -11.23 7.18
C ALA A 169 -2.09 -12.48 7.87
N PRO A 170 -2.65 -13.66 7.57
CA PRO A 170 -2.25 -14.89 8.25
C PRO A 170 -0.96 -15.56 7.79
N THR A 171 -0.40 -15.18 6.64
CA THR A 171 0.83 -15.82 6.16
C THR A 171 1.97 -14.82 6.01
N ALA A 172 3.19 -15.30 6.21
CA ALA A 172 4.37 -14.47 6.10
C ALA A 172 4.54 -13.93 4.69
N ASN A 173 4.16 -14.73 3.68
CA ASN A 173 4.43 -14.35 2.31
C ASN A 173 3.46 -13.30 1.80
N SER A 174 2.62 -12.76 2.69
CA SER A 174 1.84 -11.58 2.41
C SER A 174 2.68 -10.30 2.36
N TYR A 175 3.92 -10.35 2.84
CA TYR A 175 4.69 -9.12 2.98
C TYR A 175 6.18 -9.37 2.93
N GLY A 176 6.92 -8.35 2.51
CA GLY A 176 8.33 -8.28 2.78
C GLY A 176 9.19 -9.23 1.98
N PRO A 177 10.39 -9.53 2.49
CA PRO A 177 11.27 -10.52 1.86
C PRO A 177 10.57 -11.86 1.57
N SER A 178 9.66 -12.29 2.43
CA SER A 178 8.95 -13.53 2.20
C SER A 178 8.08 -13.45 0.93
N PHE A 179 7.33 -12.37 0.82
CA PHE A 179 6.53 -12.08 -0.36
C PHE A 179 7.40 -12.02 -1.61
N ASN A 180 8.52 -11.32 -1.54
CA ASN A 180 9.39 -11.16 -2.68
C ASN A 180 10.02 -12.49 -3.14
N ALA A 181 10.43 -13.30 -2.16
CA ALA A 181 11.00 -14.64 -2.44
C ALA A 181 10.01 -15.50 -3.19
N ASN A 182 8.73 -15.29 -2.90
CA ASN A 182 7.65 -16.08 -3.49
C ASN A 182 7.12 -15.52 -4.81
N GLY A 183 7.69 -14.42 -5.30
CA GLY A 183 7.23 -13.83 -6.54
C GLY A 183 6.01 -12.94 -6.37
N GLY A 184 5.73 -12.54 -5.13
CA GLY A 184 4.67 -11.58 -4.85
C GLY A 184 3.30 -12.23 -4.84
N GLY A 185 2.33 -11.60 -5.49
CA GLY A 185 0.98 -12.11 -5.49
C GLY A 185 0.00 -11.00 -5.80
N TRP A 186 -1.26 -11.24 -5.47
CA TRP A 186 -2.34 -10.34 -5.82
C TRP A 186 -3.03 -9.84 -4.55
N TYR A 187 -3.29 -8.53 -4.53
CA TYR A 187 -4.13 -7.92 -3.52
C TYR A 187 -5.36 -7.36 -4.20
N ALA A 188 -6.52 -7.65 -3.64
CA ALA A 188 -7.77 -7.11 -4.14
C ALA A 188 -8.55 -6.49 -2.98
N MET A 189 -9.16 -5.35 -3.25
CA MET A 189 -9.92 -4.63 -2.24
C MET A 189 -11.27 -4.31 -2.86
N GLU A 190 -12.35 -4.75 -2.20
CA GLU A 190 -13.71 -4.37 -2.58
C GLU A 190 -14.25 -3.40 -1.54
N ARG A 191 -14.71 -2.24 -2.03
CA ARG A 191 -15.35 -1.26 -1.17
C ARG A 191 -16.78 -1.02 -1.63
N THR A 192 -17.72 -1.14 -0.68
CA THR A 192 -19.11 -0.76 -0.93
C THR A 192 -19.57 0.13 0.21
N ASN A 193 -20.84 0.52 0.18
CA ASN A 193 -21.42 1.29 1.27
C ASN A 193 -21.43 0.54 2.59
N SER A 194 -21.44 -0.79 2.48
CA SER A 194 -21.64 -1.68 3.61
C SER A 194 -20.38 -2.32 4.20
N PHE A 195 -19.28 -2.34 3.44
CA PHE A 195 -18.06 -2.96 3.94
C PHE A 195 -16.86 -2.59 3.09
N ILE A 196 -15.69 -2.88 3.64
CA ILE A 196 -14.46 -2.99 2.87
C ILE A 196 -13.88 -4.39 3.14
N LYS A 197 -13.45 -5.04 2.07
CA LYS A 197 -12.77 -6.33 2.14
C LYS A 197 -11.46 -6.26 1.39
N VAL A 198 -10.45 -6.95 1.92
CA VAL A 198 -9.21 -7.15 1.21
C VAL A 198 -8.92 -8.65 1.13
N TRP A 199 -8.51 -9.12 -0.05
CA TRP A 199 -8.03 -10.48 -0.24
C TRP A 199 -6.56 -10.43 -0.65
N PHE A 200 -5.75 -11.32 -0.07
CA PHE A 200 -4.40 -11.57 -0.58
C PHE A 200 -4.34 -12.98 -1.13
N PHE A 201 -3.78 -13.13 -2.32
CA PHE A 201 -3.45 -14.44 -2.88
C PHE A 201 -1.99 -14.48 -3.23
N PRO A 202 -1.23 -15.42 -2.64
CA PRO A 202 0.17 -15.56 -3.02
C PRO A 202 0.34 -15.95 -4.48
N ARG A 203 1.50 -15.63 -5.05
CA ARG A 203 1.78 -15.92 -6.44
C ARG A 203 1.58 -17.37 -6.81
N ASN A 204 1.94 -18.26 -5.89
CA ASN A 204 1.90 -19.70 -6.14
C ASN A 204 0.62 -20.39 -5.65
N ALA A 205 -0.39 -19.60 -5.31
CA ALA A 205 -1.63 -20.14 -4.76
C ALA A 205 -2.37 -21.00 -5.79
N GLY A 206 -2.80 -22.18 -5.39
CA GLY A 206 -3.61 -23.02 -6.27
C GLY A 206 -5.05 -22.54 -6.38
N ASN A 207 -5.47 -21.67 -5.45
CA ASN A 207 -6.87 -21.23 -5.33
C ASN A 207 -7.11 -19.76 -5.69
N VAL A 208 -6.22 -19.16 -6.46
CA VAL A 208 -6.42 -17.77 -6.86
C VAL A 208 -7.57 -17.70 -7.88
N PRO A 209 -8.60 -16.87 -7.60
CA PRO A 209 -9.66 -16.72 -8.58
C PRO A 209 -9.16 -16.25 -9.94
N ASN A 210 -9.65 -16.84 -11.02
CA ASN A 210 -9.24 -16.42 -12.34
C ASN A 210 -9.54 -14.93 -12.55
N ASP A 211 -10.66 -14.47 -11.99
CA ASP A 211 -11.02 -13.04 -11.92
C ASP A 211 -9.84 -12.16 -11.55
N ILE A 212 -9.15 -12.57 -10.50
CA ILE A 212 -8.02 -11.82 -9.97
C ILE A 212 -6.77 -12.07 -10.81
N ALA A 213 -6.46 -13.33 -11.08
CA ALA A 213 -5.18 -13.68 -11.70
C ALA A 213 -5.04 -13.25 -13.16
N SER A 214 -6.12 -13.35 -13.94
CA SER A 214 -6.06 -13.07 -15.38
C SER A 214 -6.64 -11.72 -15.78
N GLY A 215 -7.32 -11.04 -14.86
CA GLY A 215 -7.83 -9.69 -15.11
C GLY A 215 -8.77 -9.56 -16.30
N PRO A 216 -9.81 -10.40 -16.36
CA PRO A 216 -10.85 -10.25 -17.35
C PRO A 216 -11.67 -9.00 -17.05
N ALA A 217 -12.51 -8.58 -17.98
CA ALA A 217 -13.22 -7.33 -17.82
C ALA A 217 -14.42 -7.44 -16.87
N THR A 218 -14.87 -8.66 -16.56
CA THR A 218 -15.97 -8.89 -15.62
C THR A 218 -15.49 -9.73 -14.44
N ILE A 219 -15.85 -9.32 -13.21
CA ILE A 219 -15.50 -10.07 -12.00
C ILE A 219 -16.71 -10.26 -11.10
N ASN A 220 -16.65 -11.26 -10.24
CA ASN A 220 -17.69 -11.53 -9.28
C ASN A 220 -17.06 -11.92 -7.95
N THR A 221 -17.09 -11.03 -6.97
CA THR A 221 -16.40 -11.26 -5.71
C THR A 221 -17.07 -12.33 -4.84
N ASP A 222 -18.31 -12.70 -5.17
CA ASP A 222 -18.98 -13.81 -4.49
C ASP A 222 -18.20 -15.11 -4.57
N ASN A 223 -17.36 -15.24 -5.58
CA ASN A 223 -16.62 -16.47 -5.85
C ASN A 223 -15.17 -16.45 -5.33
N TRP A 224 -14.85 -15.45 -4.50
CA TRP A 224 -13.47 -15.20 -4.10
C TRP A 224 -13.07 -15.80 -2.76
N GLY A 225 -14.00 -16.49 -2.11
CA GLY A 225 -13.75 -17.07 -0.80
C GLY A 225 -13.71 -16.00 0.27
N THR A 226 -13.35 -16.41 1.48
CA THR A 226 -13.35 -15.53 2.63
C THR A 226 -12.24 -14.49 2.50
N PRO A 227 -12.55 -13.22 2.77
CA PRO A 227 -11.50 -12.20 2.65
C PRO A 227 -10.45 -12.35 3.72
N THR A 228 -9.26 -11.82 3.44
CA THR A 228 -8.19 -11.75 4.40
C THR A 228 -8.51 -10.73 5.50
N ALA A 229 -9.00 -9.56 5.09
CA ALA A 229 -9.47 -8.54 6.03
C ALA A 229 -10.90 -8.16 5.69
N PHE A 230 -11.73 -8.01 6.71
CA PHE A 230 -13.14 -7.65 6.56
C PHE A 230 -13.42 -6.53 7.52
N PHE A 231 -13.97 -5.45 6.97
CA PHE A 231 -14.40 -4.30 7.74
C PHE A 231 -15.90 -4.10 7.49
N PRO A 232 -16.74 -4.77 8.28
CA PRO A 232 -18.18 -4.66 8.11
C PRO A 232 -18.72 -3.34 8.65
N ASN A 233 -20.00 -3.07 8.43
CA ASN A 233 -20.63 -1.86 8.94
C ASN A 233 -21.38 -2.01 10.26
N THR A 234 -21.15 -3.12 10.95
CA THR A 234 -21.82 -3.41 12.23
C THR A 234 -21.75 -2.22 13.19
N ASN A 235 -20.57 -1.61 13.28
CA ASN A 235 -20.34 -0.49 14.18
C ASN A 235 -19.66 0.69 13.48
N CYS A 236 -19.90 0.80 12.18
CA CYS A 236 -19.31 1.85 11.37
C CYS A 236 -20.07 2.01 10.08
N ASP A 237 -20.68 3.17 9.87
CA ASP A 237 -21.30 3.48 8.60
C ASP A 237 -20.18 3.72 7.59
N ILE A 238 -19.83 2.69 6.84
CA ILE A 238 -18.65 2.75 5.98
C ILE A 238 -18.77 3.89 4.97
N GLY A 239 -19.91 3.95 4.30
CA GLY A 239 -20.12 4.95 3.27
C GLY A 239 -20.06 6.38 3.78
N SER A 240 -20.41 6.61 5.04
CA SER A 240 -20.38 7.97 5.62
C SER A 240 -18.99 8.37 6.12
N HIS A 241 -18.08 7.40 6.19
CA HIS A 241 -16.70 7.65 6.62
C HIS A 241 -15.71 7.64 5.47
N PHE A 242 -16.18 7.34 4.27
CA PHE A 242 -15.34 7.33 3.07
C PHE A 242 -16.02 8.14 2.02
N ASP A 243 -15.25 8.91 1.26
CA ASP A 243 -15.80 9.58 0.09
C ASP A 243 -14.97 9.16 -1.12
N ALA A 244 -14.90 9.96 -2.18
CA ALA A 244 -14.21 9.54 -3.39
C ALA A 244 -12.72 9.59 -3.14
N ASN A 245 -12.06 8.43 -3.25
CA ASN A 245 -10.65 8.27 -2.89
C ASN A 245 -9.77 8.01 -4.10
N ASN A 246 -8.54 8.51 -4.05
CA ASN A 246 -7.51 8.17 -5.01
C ASN A 246 -6.77 6.92 -4.54
N ILE A 247 -6.16 6.23 -5.49
CA ILE A 247 -5.24 5.14 -5.19
C ILE A 247 -3.84 5.72 -5.13
N ILE A 248 -3.12 5.39 -4.06
CA ILE A 248 -1.74 5.86 -3.86
C ILE A 248 -0.82 4.66 -3.68
N ILE A 249 0.35 4.72 -4.30
CA ILE A 249 1.40 3.71 -4.11
C ILE A 249 2.68 4.50 -3.84
N ASN A 250 3.34 4.18 -2.73
CA ASN A 250 4.51 4.94 -2.32
C ASN A 250 5.54 4.13 -1.58
N LEU A 251 6.70 4.76 -1.36
CA LEU A 251 7.73 4.19 -0.52
C LEU A 251 8.37 5.33 0.24
N THR A 252 8.23 5.31 1.56
CA THR A 252 8.95 6.25 2.41
C THR A 252 9.94 5.45 3.24
N PHE A 253 10.75 6.17 4.04
CA PHE A 253 11.76 5.57 4.89
C PHE A 253 11.66 6.15 6.27
N CYS A 254 11.88 5.32 7.28
CA CYS A 254 11.94 5.80 8.66
C CYS A 254 10.62 6.50 8.97
N GLY A 255 10.64 7.69 9.56
CA GLY A 255 9.42 8.41 9.81
C GLY A 255 8.65 7.89 11.01
N ASP A 256 7.41 8.29 11.09
CA ASP A 256 6.67 8.22 12.35
C ASP A 256 6.44 6.79 12.82
N TRP A 257 6.31 5.86 11.88
CA TRP A 257 6.19 4.44 12.22
C TRP A 257 7.56 3.75 12.11
N ALA A 258 8.08 3.60 10.88
CA ALA A 258 9.27 2.77 10.66
C ALA A 258 10.51 3.27 11.39
N GLY A 259 10.57 4.58 11.63
CA GLY A 259 11.77 5.22 12.18
C GLY A 259 11.91 5.19 13.68
N GLN A 260 10.86 4.81 14.40
CA GLN A 260 10.96 4.73 15.86
C GLN A 260 12.05 3.74 16.21
N ALA A 261 12.95 4.14 17.12
CA ALA A 261 14.11 3.33 17.47
C ALA A 261 13.69 1.94 17.92
N SER A 262 12.69 1.85 18.79
CA SER A 262 12.28 0.56 19.33
C SER A 262 11.76 -0.36 18.21
N ILE A 263 11.08 0.23 17.24
CA ILE A 263 10.49 -0.52 16.13
C ILE A 263 11.57 -0.91 15.12
N PHE A 264 12.40 0.05 14.74
CA PHE A 264 13.50 -0.17 13.82
C PHE A 264 14.50 -1.21 14.37
N ASN A 265 14.96 -0.97 15.59
CA ASN A 265 15.90 -1.89 16.22
C ASN A 265 15.28 -3.24 16.53
N GLY A 266 14.00 -3.23 16.91
CA GLY A 266 13.27 -4.49 17.16
C GLY A 266 13.13 -5.36 15.93
N ALA A 267 13.20 -4.76 14.74
CA ALA A 267 13.17 -5.49 13.47
C ALA A 267 14.53 -6.07 13.11
N GLY A 268 15.53 -5.90 13.97
CA GLY A 268 16.88 -6.39 13.69
C GLY A 268 17.70 -5.42 12.86
N CYS A 269 17.26 -4.16 12.80
CA CYS A 269 17.96 -3.15 12.02
C CYS A 269 18.84 -2.32 12.94
N PRO A 270 20.13 -2.18 12.60
CA PRO A 270 21.10 -1.62 13.54
C PRO A 270 21.09 -0.10 13.59
N GLY A 271 21.25 0.46 14.79
CA GLY A 271 21.51 1.88 14.96
C GLY A 271 20.34 2.79 14.67
N SER A 272 20.64 3.90 14.01
CA SER A 272 19.67 4.95 13.69
C SER A 272 19.07 4.72 12.31
N CYS A 273 17.75 4.79 12.18
CA CYS A 273 17.14 4.62 10.86
C CYS A 273 17.61 5.68 9.87
N VAL A 274 17.62 6.95 10.31
CA VAL A 274 18.02 8.04 9.43
C VAL A 274 19.46 7.87 9.01
N ASP A 275 20.34 7.56 9.96
CA ASP A 275 21.75 7.32 9.63
C ASP A 275 21.91 6.18 8.63
N TYR A 276 21.15 5.11 8.86
CA TYR A 276 21.20 3.94 7.98
C TYR A 276 20.79 4.31 6.56
N VAL A 277 19.69 5.04 6.45
CA VAL A 277 19.17 5.47 5.16
C VAL A 277 20.13 6.44 4.48
N ASN A 278 20.75 7.33 5.25
CA ASN A 278 21.74 8.23 4.67
C ASN A 278 22.92 7.50 4.03
N ASN A 279 23.44 6.50 4.75
CA ASN A 279 24.78 6.02 4.45
C ASN A 279 24.89 4.65 3.80
N ASN A 280 23.75 4.03 3.47
CA ASN A 280 23.77 2.69 2.87
C ASN A 280 22.94 2.62 1.59
N PRO A 281 23.30 3.43 0.59
CA PRO A 281 22.53 3.43 -0.66
C PRO A 281 22.34 2.04 -1.26
N SER A 282 23.41 1.25 -1.30
N SER A 282 23.39 1.23 -1.30
CA SER A 282 23.35 -0.08 -1.91
CA SER A 282 23.30 -0.08 -1.95
C SER A 282 22.34 -0.99 -1.22
C SER A 282 22.38 -1.04 -1.20
N ALA A 283 22.07 -0.74 0.06
CA ALA A 283 21.12 -1.55 0.83
C ALA A 283 19.66 -1.32 0.39
N PHE A 284 19.45 -0.36 -0.52
CA PHE A 284 18.12 -0.07 -1.05
C PHE A 284 17.96 -0.50 -2.49
N ALA A 285 18.87 -1.32 -3.00
CA ALA A 285 18.75 -1.81 -4.37
C ALA A 285 17.48 -2.66 -4.57
N ASN A 286 17.03 -3.30 -3.48
CA ASN A 286 15.79 -4.08 -3.52
C ASN A 286 14.57 -3.37 -2.93
N ALA A 287 14.70 -2.05 -2.75
CA ALA A 287 13.60 -1.23 -2.27
C ALA A 287 12.80 -0.72 -3.48
N TYR A 288 12.15 -1.66 -4.18
CA TYR A 288 11.34 -1.31 -5.34
C TYR A 288 10.05 -2.09 -5.37
N TRP A 289 9.03 -1.44 -5.90
CA TRP A 289 7.82 -2.09 -6.36
C TRP A 289 8.05 -2.55 -7.79
N ASP A 290 7.57 -3.74 -8.12
CA ASP A 290 7.48 -4.21 -9.50
C ASP A 290 6.02 -4.63 -9.63
N ILE A 291 5.26 -3.86 -10.38
CA ILE A 291 3.81 -4.04 -10.50
C ILE A 291 3.47 -4.43 -11.93
N ALA A 292 2.79 -5.56 -12.09
CA ALA A 292 2.38 -6.04 -13.40
C ALA A 292 1.12 -5.31 -13.90
N SER A 293 0.20 -4.99 -13.01
CA SER A 293 -1.01 -4.28 -13.38
C SER A 293 -1.73 -3.82 -12.13
N VAL A 294 -2.53 -2.76 -12.31
CA VAL A 294 -3.54 -2.39 -11.34
C VAL A 294 -4.81 -2.19 -12.15
N ARG A 295 -5.89 -2.81 -11.71
CA ARG A 295 -7.16 -2.75 -12.43
C ARG A 295 -8.25 -2.35 -11.46
N VAL A 296 -9.12 -1.46 -11.91
CA VAL A 296 -10.26 -1.03 -11.10
C VAL A 296 -11.54 -1.43 -11.82
N TYR A 297 -12.50 -1.92 -11.04
CA TYR A 297 -13.80 -2.33 -11.54
C TYR A 297 -14.89 -1.56 -10.79
N GLN A 298 -15.93 -1.19 -11.52
N GLN A 298 -15.98 -1.28 -11.50
CA GLN A 298 -17.09 -0.48 -10.97
CA GLN A 298 -17.19 -0.67 -10.90
C GLN A 298 -18.38 -1.13 -11.48
C GLN A 298 -18.47 -1.41 -11.29
#